data_4EU0
#
_entry.id   4EU0
#
_cell.length_a   58.517
_cell.length_b   41.395
_cell.length_c   62.912
_cell.angle_alpha   90.000
_cell.angle_beta   109.920
_cell.angle_gamma   90.000
#
_symmetry.space_group_name_H-M   'P 1 21 1'
#
loop_
_entity.id
_entity.type
_entity.pdbx_description
1 polymer PelD
2 non-polymer "9,9'-[(2R,3R,3aS,5S,7aR,9R,10R,10aS,12S,14aR)-3,5,10,12-tetrahydroxy-5,12-dioxidooctahydro-2H,7H-difuro[3,2-d:3',2'-j][1,3,7,9,2,8]tetraoxadiphosphacyclododecine-2,9-diyl]bis(2-amino-1,9-dihydro-6H-purin-6-one)"
3 water water
#
_entity_poly.entity_id   1
_entity_poly.type   'polypeptide(L)'
_entity_poly.pdbx_seq_one_letter_code
;QSLRSSLLGLRQLLRELPGDEAPLDALAETVLALLAQYGSLRIAGLYRVRYDRTPEPQPLATLGEMPALDADDLLVRTCL
ERGELVSVRQELLERGEQRAHSAAAVCVPLVDTDGRILALLAVEQMPFFVFNERTFSLLAILAGHIADLLQSDRRALQLA
DIDAQRFSQYLKRSLLDARDHGLPACLYAFELTDARYGEEVQRLLEGSQRGLDVQLRLRNDEGRRVLLVLLPLTSAEGSQ
GYLQRLRILFAERFGQARELESLGVRIRQYELDAGNDRQALGHFLFNECGLNDQQVAI
;
_entity_poly.pdbx_strand_id   A
#
loop_
_chem_comp.id
_chem_comp.type
_chem_comp.name
_chem_comp.formula
C2E non-polymer 9,9'-[(2R,3R,3aS,5S,7aR,9R,10R,10aS,12S,14aR)-3,5,10,12-tetrahydroxy-5,12-dioxidooctahydro-2H,7H-difuro[3,2-d:3',2'-j][1,3,7,9,2,8]tetraoxadiphosphacyclododecine-2,9-diyl]bis(2-amino-1,9-dihydro-6H-purin-6-one) 'C20 H24 N10 O14 P2'
#
# COMPACT_ATOMS: atom_id res chain seq x y z
N GLN A 1 12.71 -4.08 3.41
CA GLN A 1 12.21 -3.73 4.77
C GLN A 1 11.31 -4.82 5.31
N SER A 2 11.28 -4.98 6.63
CA SER A 2 10.47 -6.00 7.27
C SER A 2 8.97 -5.81 7.01
N LEU A 3 8.51 -4.56 7.02
CA LEU A 3 7.13 -4.24 6.68
C LEU A 3 6.77 -4.69 5.27
N ARG A 4 7.60 -4.32 4.31
CA ARG A 4 7.36 -4.68 2.92
C ARG A 4 7.30 -6.21 2.79
N SER A 5 8.26 -6.90 3.38
CA SER A 5 8.26 -8.37 3.31
C SER A 5 7.04 -8.98 4.00
N SER A 6 6.63 -8.41 5.14
CA SER A 6 5.39 -8.85 5.81
C SER A 6 4.16 -8.72 4.92
N LEU A 7 4.04 -7.57 4.26
CA LEU A 7 2.89 -7.33 3.38
C LEU A 7 2.93 -8.21 2.14
N LEU A 8 4.12 -8.45 1.61
CA LEU A 8 4.29 -9.36 0.48
C LEU A 8 3.90 -10.78 0.81
N GLY A 9 4.23 -11.21 2.02
CA GLY A 9 3.85 -12.52 2.53
C GLY A 9 2.34 -12.65 2.58
N LEU A 10 1.66 -11.68 3.20
CA LEU A 10 0.19 -11.69 3.30
C LEU A 10 -0.48 -11.63 1.93
N ARG A 11 0.05 -10.78 1.04
CA ARG A 11 -0.49 -10.68 -0.31
C ARG A 11 -0.44 -12.01 -1.06
N GLN A 12 0.64 -12.76 -0.84
CA GLN A 12 0.84 -14.01 -1.54
C GLN A 12 -0.12 -15.06 -1.00
N LEU A 13 -0.33 -15.05 0.32
CA LEU A 13 -1.31 -15.93 0.95
C LEU A 13 -2.70 -15.64 0.39
N LEU A 14 -3.00 -14.35 0.18
CA LEU A 14 -4.28 -13.93 -0.40
C LEU A 14 -4.43 -14.34 -1.87
N ARG A 15 -3.32 -14.37 -2.60
CA ARG A 15 -3.31 -14.81 -4.00
C ARG A 15 -3.43 -16.33 -4.09
N GLU A 16 -2.92 -17.03 -3.07
CA GLU A 16 -2.95 -18.49 -3.01
C GLU A 16 -4.25 -19.04 -2.41
N LEU A 17 -5.09 -18.14 -1.90
CA LEU A 17 -6.40 -18.48 -1.32
C LEU A 17 -7.28 -19.14 -2.39
N PRO A 18 -7.98 -20.23 -2.03
CA PRO A 18 -8.79 -21.00 -2.99
C PRO A 18 -9.71 -20.17 -3.89
N GLY A 19 -10.24 -19.06 -3.37
CA GLY A 19 -11.02 -18.13 -4.19
C GLY A 19 -12.48 -17.97 -3.79
N ASP A 20 -13.02 -19.02 -3.17
CA ASP A 20 -14.41 -19.04 -2.71
C ASP A 20 -14.54 -18.33 -1.36
N GLU A 21 -13.52 -18.46 -0.51
CA GLU A 21 -13.60 -18.02 0.89
C GLU A 21 -13.39 -16.52 1.08
N ALA A 22 -14.09 -15.99 2.08
CA ALA A 22 -13.98 -14.58 2.45
C ALA A 22 -12.61 -14.31 3.09
N PRO A 23 -11.85 -13.36 2.49
CA PRO A 23 -10.45 -13.09 2.84
C PRO A 23 -10.19 -12.80 4.32
N LEU A 24 -11.03 -11.97 4.93
CA LEU A 24 -10.86 -11.59 6.33
C LEU A 24 -10.99 -12.80 7.27
N ASP A 25 -11.89 -13.72 6.93
CA ASP A 25 -12.10 -14.96 7.69
C ASP A 25 -10.91 -15.92 7.59
N ALA A 26 -10.49 -16.20 6.36
CA ALA A 26 -9.44 -17.17 6.09
C ALA A 26 -8.05 -16.78 6.61
N LEU A 27 -7.79 -15.48 6.68
CA LEU A 27 -6.47 -14.99 7.07
C LEU A 27 -6.47 -14.21 8.38
N ALA A 28 -7.57 -14.29 9.12
CA ALA A 28 -7.73 -13.60 10.40
C ALA A 28 -6.60 -13.89 11.38
N GLU A 29 -6.23 -15.17 11.51
CA GLU A 29 -5.15 -15.58 12.41
C GLU A 29 -3.81 -14.95 11.99
N THR A 30 -3.56 -14.92 10.68
CA THR A 30 -2.35 -14.33 10.13
C THR A 30 -2.33 -12.82 10.33
N VAL A 31 -3.48 -12.18 10.09
CA VAL A 31 -3.60 -10.73 10.27
C VAL A 31 -3.32 -10.35 11.72
N LEU A 32 -3.99 -11.03 12.64
CA LEU A 32 -3.75 -10.82 14.06
C LEU A 32 -2.29 -11.08 14.47
N ALA A 33 -1.71 -12.16 13.97
CA ALA A 33 -0.31 -12.51 14.25
C ALA A 33 0.63 -11.39 13.82
N LEU A 34 0.41 -10.86 12.61
CA LEU A 34 1.19 -9.74 12.08
C LEU A 34 1.07 -8.51 12.97
N LEU A 35 -0.16 -8.14 13.32
CA LEU A 35 -0.39 -7.02 14.22
C LEU A 35 0.24 -7.25 15.59
N ALA A 36 0.16 -8.49 16.07
CA ALA A 36 0.78 -8.89 17.34
C ALA A 36 2.29 -8.76 17.33
N GLN A 37 2.91 -9.16 16.22
CA GLN A 37 4.35 -9.08 16.00
C GLN A 37 4.85 -7.64 16.08
N TYR A 38 4.23 -6.75 15.30
CA TYR A 38 4.68 -5.36 15.23
C TYR A 38 4.36 -4.53 16.49
N GLY A 39 3.26 -4.86 17.17
CA GLY A 39 2.88 -4.15 18.40
C GLY A 39 3.36 -4.77 19.70
N SER A 40 4.12 -5.86 19.62
CA SER A 40 4.50 -6.66 20.79
C SER A 40 3.28 -6.97 21.67
N LEU A 41 2.15 -7.26 21.02
CA LEU A 41 0.89 -7.51 21.74
C LEU A 41 0.92 -8.80 22.53
N ARG A 42 0.24 -8.80 23.67
CA ARG A 42 0.15 -10.01 24.49
C ARG A 42 -1.28 -10.55 24.59
N ILE A 43 -2.25 -9.65 24.75
CA ILE A 43 -3.67 -10.04 24.71
C ILE A 43 -4.44 -9.10 23.79
N ALA A 44 -5.08 -9.69 22.76
CA ALA A 44 -5.78 -8.92 21.74
C ALA A 44 -6.82 -9.77 21.00
N GLY A 45 -7.65 -9.10 20.20
CA GLY A 45 -8.66 -9.77 19.38
C GLY A 45 -8.89 -9.02 18.09
N LEU A 46 -9.28 -9.77 17.06
CA LEU A 46 -9.61 -9.20 15.76
C LEU A 46 -11.08 -9.45 15.42
N TYR A 47 -11.79 -8.37 15.07
CA TYR A 47 -13.24 -8.43 14.87
C TYR A 47 -13.65 -7.83 13.52
N ARG A 48 -14.70 -8.38 12.91
CA ARG A 48 -15.25 -7.80 11.70
C ARG A 48 -16.07 -6.56 12.03
N VAL A 49 -15.95 -5.53 11.20
CA VAL A 49 -16.76 -4.33 11.35
C VAL A 49 -17.78 -4.26 10.22
N ARG A 50 -19.05 -4.08 10.58
CA ARG A 50 -20.14 -3.99 9.61
C ARG A 50 -20.12 -2.68 8.83
N TYR A 51 -20.99 -2.56 7.83
CA TYR A 51 -21.04 -1.37 6.99
C TYR A 51 -21.38 -0.10 7.77
N ASP A 52 -22.24 -0.22 8.78
CA ASP A 52 -22.65 0.92 9.59
C ASP A 52 -21.67 1.29 10.71
N ARG A 53 -20.46 0.71 10.65
CA ARG A 53 -19.37 0.99 11.61
C ARG A 53 -19.65 0.47 13.04
N THR A 54 -20.38 -0.65 13.13
CA THR A 54 -20.57 -1.34 14.40
C THR A 54 -19.85 -2.69 14.35
N PRO A 55 -19.22 -3.10 15.46
CA PRO A 55 -18.41 -4.31 15.45
C PRO A 55 -19.20 -5.59 15.67
N GLU A 56 -18.75 -6.68 15.05
CA GLU A 56 -19.33 -8.00 15.27
C GLU A 56 -18.62 -8.66 16.46
N PRO A 57 -19.36 -8.91 17.56
CA PRO A 57 -18.81 -9.41 18.84
C PRO A 57 -18.03 -10.72 18.73
N GLN A 58 -18.52 -11.64 17.88
CA GLN A 58 -17.85 -12.92 17.62
C GLN A 58 -16.42 -12.69 17.09
N PRO A 59 -15.40 -13.07 17.88
CA PRO A 59 -14.01 -12.78 17.48
C PRO A 59 -13.56 -13.62 16.29
N LEU A 60 -12.92 -12.99 15.31
CA LEU A 60 -12.38 -13.71 14.15
C LEU A 60 -11.11 -14.46 14.53
N ALA A 61 -10.37 -13.90 15.48
CA ALA A 61 -9.14 -14.48 16.01
C ALA A 61 -8.78 -13.78 17.32
N THR A 62 -8.14 -14.54 18.22
CA THR A 62 -7.75 -14.02 19.53
C THR A 62 -6.29 -14.33 19.88
N LEU A 63 -5.70 -13.46 20.69
CA LEU A 63 -4.34 -13.65 21.21
C LEU A 63 -4.36 -13.47 22.72
N GLY A 64 -3.70 -14.40 23.42
CA GLY A 64 -3.71 -14.40 24.88
C GLY A 64 -5.07 -14.76 25.43
N GLU A 65 -5.29 -14.50 26.71
CA GLU A 65 -6.56 -14.78 27.36
C GLU A 65 -7.54 -13.64 27.08
N MET A 66 -8.12 -13.68 25.89
CA MET A 66 -8.95 -12.62 25.33
C MET A 66 -10.34 -12.53 25.97
N PRO A 67 -10.63 -11.45 26.70
CA PRO A 67 -11.98 -11.22 27.23
C PRO A 67 -12.93 -10.72 26.16
N ALA A 68 -14.20 -11.09 26.26
CA ALA A 68 -15.21 -10.74 25.26
C ALA A 68 -15.43 -9.23 25.10
N LEU A 69 -15.66 -8.78 23.87
CA LEU A 69 -16.04 -7.39 23.60
C LEU A 69 -17.47 -7.18 24.04
N ASP A 70 -17.67 -6.29 25.01
CA ASP A 70 -19.00 -6.04 25.59
C ASP A 70 -19.91 -5.21 24.67
N ALA A 71 -20.88 -4.51 25.26
CA ALA A 71 -21.83 -3.69 24.53
C ALA A 71 -21.15 -2.51 23.83
N ASP A 72 -21.17 -1.33 24.44
CA ASP A 72 -20.56 -0.15 23.81
C ASP A 72 -19.36 0.40 24.59
N ASP A 73 -18.27 -0.36 24.61
CA ASP A 73 -17.01 0.11 25.19
C ASP A 73 -16.62 1.44 24.55
N LEU A 74 -16.27 2.42 25.38
CA LEU A 74 -15.98 3.78 24.91
C LEU A 74 -14.83 3.82 23.91
N LEU A 75 -13.82 2.98 24.10
CA LEU A 75 -12.66 2.94 23.20
C LEU A 75 -13.05 2.38 21.83
N VAL A 76 -13.86 1.32 21.84
CA VAL A 76 -14.36 0.69 20.61
C VAL A 76 -15.23 1.67 19.83
N ARG A 77 -16.10 2.41 20.54
CA ARG A 77 -17.00 3.35 19.89
C ARG A 77 -16.28 4.56 19.31
N THR A 78 -15.34 5.13 20.06
CA THR A 78 -14.57 6.28 19.58
C THR A 78 -13.72 5.89 18.38
N CYS A 79 -13.13 4.69 18.43
CA CYS A 79 -12.30 4.16 17.33
C CYS A 79 -13.10 4.08 16.04
N LEU A 80 -14.29 3.50 16.13
CA LEU A 80 -15.12 3.27 14.96
C LEU A 80 -15.79 4.53 14.43
N GLU A 81 -16.03 5.50 15.32
CA GLU A 81 -16.62 6.78 14.94
C GLU A 81 -15.60 7.71 14.28
N ARG A 82 -14.34 7.62 14.71
CA ARG A 82 -13.27 8.44 14.17
C ARG A 82 -12.62 7.80 12.94
N GLY A 83 -12.73 6.47 12.85
CA GLY A 83 -12.01 5.70 11.84
C GLY A 83 -10.51 5.78 12.06
N GLU A 84 -10.09 5.90 13.32
CA GLU A 84 -8.69 6.10 13.69
C GLU A 84 -8.33 5.29 14.91
N LEU A 85 -7.03 5.01 15.03
CA LEU A 85 -6.46 4.41 16.22
C LEU A 85 -6.75 5.28 17.44
N VAL A 86 -7.23 4.66 18.50
CA VAL A 86 -7.44 5.36 19.76
C VAL A 86 -6.86 4.54 20.91
N SER A 87 -6.22 5.21 21.85
CA SER A 87 -5.68 4.54 23.03
C SER A 87 -6.21 5.17 24.30
N VAL A 88 -6.16 4.41 25.40
CA VAL A 88 -6.45 4.94 26.73
C VAL A 88 -5.14 5.32 27.41
N ARG A 89 -4.38 6.20 26.75
CA ARG A 89 -3.05 6.60 27.23
C ARG A 89 -3.12 7.68 28.31
N GLN A 90 -2.31 8.73 28.15
CA GLN A 90 -2.29 9.91 29.03
C GLN A 90 -2.17 9.55 30.51
N ALA A 104 -8.62 -3.21 26.44
CA ALA A 104 -9.06 -1.86 26.75
C ALA A 104 -7.88 -0.88 26.80
N ALA A 105 -6.81 -1.21 26.07
CA ALA A 105 -5.63 -0.36 25.97
C ALA A 105 -5.59 0.44 24.67
N VAL A 106 -5.73 -0.26 23.54
CA VAL A 106 -5.71 0.35 22.21
C VAL A 106 -6.75 -0.30 21.31
N CYS A 107 -7.42 0.51 20.51
CA CYS A 107 -8.24 0.03 19.41
C CYS A 107 -7.69 0.52 18.09
N VAL A 108 -7.48 -0.41 17.16
CA VAL A 108 -6.94 -0.05 15.84
C VAL A 108 -7.92 -0.51 14.74
N PRO A 109 -8.52 0.45 14.00
CA PRO A 109 -9.39 0.02 12.93
C PRO A 109 -8.57 -0.30 11.69
N LEU A 110 -9.02 -1.27 10.91
CA LEU A 110 -8.39 -1.59 9.63
C LEU A 110 -9.25 -0.92 8.56
N VAL A 111 -8.70 0.15 7.98
CA VAL A 111 -9.45 1.03 7.11
C VAL A 111 -8.82 1.05 5.73
N ASP A 112 -9.60 0.73 4.70
CA ASP A 112 -9.10 0.77 3.33
C ASP A 112 -8.94 2.21 2.80
N THR A 113 -8.37 2.35 1.61
CA THR A 113 -8.13 3.67 1.02
C THR A 113 -9.40 4.48 0.73
N ASP A 114 -10.57 3.85 0.77
CA ASP A 114 -11.85 4.56 0.57
C ASP A 114 -12.44 5.04 1.88
N GLY A 115 -11.84 4.61 2.99
CA GLY A 115 -12.35 4.96 4.31
C GLY A 115 -13.30 3.95 4.89
N ARG A 116 -13.39 2.77 4.28
CA ARG A 116 -14.25 1.68 4.79
C ARG A 116 -13.53 0.93 5.90
N ILE A 117 -14.17 0.86 7.07
CA ILE A 117 -13.61 0.11 8.21
C ILE A 117 -14.02 -1.34 8.01
N LEU A 118 -13.05 -2.18 7.67
CA LEU A 118 -13.28 -3.60 7.42
C LEU A 118 -13.27 -4.43 8.69
N ALA A 119 -12.41 -4.03 9.63
CA ALA A 119 -12.13 -4.83 10.83
C ALA A 119 -11.60 -3.96 11.96
N LEU A 120 -11.58 -4.54 13.15
CA LEU A 120 -11.12 -3.83 14.35
C LEU A 120 -10.10 -4.70 15.10
N LEU A 121 -8.96 -4.12 15.45
CA LEU A 121 -8.03 -4.75 16.39
C LEU A 121 -8.29 -4.15 17.77
N ALA A 122 -8.68 -4.99 18.72
CA ALA A 122 -8.91 -4.57 20.10
C ALA A 122 -7.82 -5.16 20.99
N VAL A 123 -7.03 -4.28 21.61
CA VAL A 123 -5.90 -4.74 22.43
C VAL A 123 -6.21 -4.55 23.91
N GLU A 124 -6.22 -5.67 24.64
CA GLU A 124 -6.43 -5.64 26.08
C GLU A 124 -5.11 -5.48 26.85
N GLN A 125 -4.03 -6.05 26.31
CA GLN A 125 -2.73 -5.99 26.98
C GLN A 125 -1.56 -5.93 26.00
N MET A 126 -0.74 -4.90 26.16
CA MET A 126 0.57 -4.81 25.52
C MET A 126 1.52 -4.25 26.57
N PRO A 127 2.81 -4.60 26.50
CA PRO A 127 3.79 -4.06 27.44
C PRO A 127 3.81 -2.53 27.44
N PHE A 128 3.93 -1.92 28.61
CA PHE A 128 3.89 -0.46 28.73
C PHE A 128 5.01 0.22 27.95
N PHE A 129 6.16 -0.44 27.85
CA PHE A 129 7.30 0.17 27.15
C PHE A 129 7.09 0.35 25.64
N VAL A 130 6.08 -0.32 25.08
CA VAL A 130 5.69 -0.10 23.68
C VAL A 130 4.35 0.64 23.57
N PHE A 131 3.77 0.99 24.71
CA PHE A 131 2.53 1.75 24.75
C PHE A 131 2.86 3.22 24.50
N ASN A 132 3.19 3.52 23.23
CA ASN A 132 3.64 4.84 22.83
C ASN A 132 3.32 5.15 21.37
N GLU A 133 3.52 6.40 20.98
CA GLU A 133 3.20 6.85 19.63
C GLU A 133 3.96 6.14 18.51
N ARG A 134 5.19 5.71 18.78
CA ARG A 134 6.00 4.97 17.80
C ARG A 134 5.33 3.65 17.40
N THR A 135 4.88 2.89 18.40
CA THR A 135 4.22 1.60 18.15
C THR A 135 2.81 1.81 17.57
N PHE A 136 2.09 2.80 18.09
CA PHE A 136 0.77 3.14 17.57
C PHE A 136 0.85 3.44 16.07
N SER A 137 1.88 4.20 15.67
CA SER A 137 2.05 4.55 14.26
C SER A 137 2.29 3.30 13.43
N LEU A 138 3.11 2.39 13.92
CA LEU A 138 3.38 1.16 13.19
C LEU A 138 2.13 0.27 13.06
N LEU A 139 1.34 0.18 14.13
CA LEU A 139 0.07 -0.55 14.11
C LEU A 139 -0.91 0.03 13.08
N ALA A 140 -0.99 1.37 13.07
CA ALA A 140 -1.88 2.07 12.14
C ALA A 140 -1.42 1.87 10.70
N ILE A 141 -0.11 1.95 10.47
CA ILE A 141 0.45 1.74 9.12
C ILE A 141 0.12 0.34 8.63
N LEU A 142 0.38 -0.65 9.46
CA LEU A 142 0.11 -2.03 9.08
C LEU A 142 -1.39 -2.28 8.84
N ALA A 143 -2.24 -1.77 9.72
CA ALA A 143 -3.69 -1.96 9.60
C ALA A 143 -4.23 -1.43 8.26
N GLY A 144 -3.74 -0.27 7.83
CA GLY A 144 -4.20 0.34 6.59
C GLY A 144 -3.80 -0.49 5.39
N HIS A 145 -2.56 -0.94 5.38
CA HIS A 145 -2.08 -1.81 4.31
C HIS A 145 -2.82 -3.15 4.26
N ILE A 146 -3.05 -3.76 5.41
CA ILE A 146 -3.78 -5.02 5.43
C ILE A 146 -5.20 -4.86 4.87
N ALA A 147 -5.89 -3.79 5.28
CA ALA A 147 -7.23 -3.50 4.80
C ALA A 147 -7.30 -3.41 3.28
N ASP A 148 -6.29 -2.78 2.67
CA ASP A 148 -6.22 -2.65 1.21
C ASP A 148 -6.10 -4.01 0.53
N LEU A 149 -5.26 -4.85 1.11
CA LEU A 149 -4.99 -6.18 0.56
C LEU A 149 -6.25 -7.07 0.54
N LEU A 150 -7.13 -6.87 1.52
CA LEU A 150 -8.37 -7.64 1.62
C LEU A 150 -9.40 -7.25 0.55
N GLN A 151 -9.24 -6.06 -0.03
CA GLN A 151 -10.22 -5.52 -0.99
C GLN A 151 -10.07 -6.02 -2.43
N SER A 152 -9.18 -6.99 -2.65
CA SER A 152 -8.97 -7.54 -4.01
C SER A 152 -10.17 -8.34 -4.54
N ASP A 153 -11.09 -8.73 -3.66
CA ASP A 153 -12.32 -9.41 -4.07
C ASP A 153 -13.38 -8.45 -4.62
N ARG A 154 -13.01 -7.19 -4.81
CA ARG A 154 -13.95 -6.16 -5.29
C ARG A 154 -13.60 -5.65 -6.70
N ARG A 155 -12.41 -6.00 -7.17
CA ARG A 155 -11.93 -5.59 -8.49
C ARG A 155 -12.81 -6.12 -9.61
N ALA A 156 -13.46 -7.26 -9.35
CA ALA A 156 -14.31 -7.95 -10.31
C ALA A 156 -15.56 -7.18 -10.73
N LEU A 157 -15.89 -6.12 -10.00
CA LEU A 157 -17.07 -5.31 -10.33
C LEU A 157 -16.75 -3.87 -10.70
N GLN A 158 -15.52 -3.64 -11.16
CA GLN A 158 -15.06 -2.35 -11.67
C GLN A 158 -14.58 -2.50 -13.11
N LEU A 159 -14.82 -1.47 -13.94
CA LEU A 159 -14.44 -1.50 -15.35
C LEU A 159 -12.94 -1.44 -15.63
N ALA A 160 -12.22 -0.65 -14.85
CA ALA A 160 -10.79 -0.47 -15.09
C ALA A 160 -10.05 -1.81 -15.03
N ASP A 161 -9.03 -1.97 -15.89
CA ASP A 161 -8.15 -3.14 -15.83
C ASP A 161 -7.61 -3.35 -14.42
N ILE A 162 -7.35 -4.60 -14.04
CA ILE A 162 -6.78 -4.92 -12.74
C ILE A 162 -5.51 -4.10 -12.44
N ASP A 163 -4.61 -3.99 -13.41
CA ASP A 163 -3.37 -3.24 -13.20
C ASP A 163 -3.64 -1.77 -12.89
N ALA A 164 -4.65 -1.19 -13.56
CA ALA A 164 -5.04 0.20 -13.30
C ALA A 164 -5.66 0.36 -11.90
N GLN A 165 -6.51 -0.57 -11.50
CA GLN A 165 -7.11 -0.52 -10.16
C GLN A 165 -6.05 -0.64 -9.07
N ARG A 166 -5.13 -1.59 -9.25
CA ARG A 166 -4.08 -1.83 -8.28
C ARG A 166 -3.18 -0.60 -8.16
N PHE A 167 -2.80 -0.04 -9.30
CA PHE A 167 -1.91 1.12 -9.33
C PHE A 167 -2.57 2.26 -8.54
N SER A 168 -3.83 2.54 -8.86
CA SER A 168 -4.62 3.57 -8.21
C SER A 168 -4.67 3.39 -6.69
N GLN A 169 -5.02 2.18 -6.26
CA GLN A 169 -5.06 1.87 -4.83
C GLN A 169 -3.70 2.06 -4.14
N TYR A 170 -2.64 1.45 -4.68
CA TYR A 170 -1.32 1.56 -4.11
C TYR A 170 -0.81 3.00 -4.04
N LEU A 171 -1.08 3.77 -5.10
CA LEU A 171 -0.70 5.18 -5.12
C LEU A 171 -1.41 5.96 -4.02
N LYS A 172 -2.70 5.74 -3.85
CA LYS A 172 -3.43 6.47 -2.81
C LYS A 172 -2.90 6.08 -1.44
N ARG A 173 -2.67 4.78 -1.22
CA ARG A 173 -2.10 4.35 0.04
C ARG A 173 -0.74 4.99 0.29
N SER A 174 0.10 5.05 -0.74
CA SER A 174 1.39 5.73 -0.60
C SER A 174 1.28 7.22 -0.29
N LEU A 175 0.27 7.88 -0.88
CA LEU A 175 -0.01 9.28 -0.56
C LEU A 175 -0.46 9.45 0.89
N LEU A 176 -1.30 8.53 1.37
CA LEU A 176 -1.73 8.51 2.77
C LEU A 176 -0.55 8.23 3.70
N ASP A 177 0.30 7.26 3.35
CA ASP A 177 1.54 6.92 4.08
C ASP A 177 2.41 8.16 4.29
N ALA A 178 2.57 8.94 3.23
CA ALA A 178 3.43 10.11 3.27
C ALA A 178 2.80 11.21 4.13
N ARG A 179 1.51 11.44 3.90
CA ARG A 179 0.82 12.54 4.59
C ARG A 179 0.71 12.27 6.09
N ASP A 180 0.29 11.06 6.43
CA ASP A 180 -0.06 10.72 7.80
C ASP A 180 1.10 10.16 8.63
N HIS A 181 2.08 9.55 7.96
CA HIS A 181 3.15 8.82 8.66
C HIS A 181 4.56 9.20 8.19
N GLY A 182 4.65 10.12 7.23
CA GLY A 182 5.94 10.58 6.71
C GLY A 182 6.74 9.48 6.04
N LEU A 183 6.05 8.44 5.55
CA LEU A 183 6.74 7.31 4.92
C LEU A 183 7.10 7.64 3.48
N PRO A 184 8.31 7.23 3.04
CA PRO A 184 8.76 7.55 1.69
C PRO A 184 8.22 6.63 0.61
N ALA A 185 8.02 7.20 -0.58
CA ALA A 185 7.73 6.43 -1.79
C ALA A 185 8.20 7.25 -2.97
N CYS A 186 8.40 6.59 -4.12
CA CYS A 186 8.87 7.25 -5.32
C CYS A 186 8.01 6.85 -6.50
N LEU A 187 7.67 7.82 -7.34
CA LEU A 187 7.07 7.56 -8.64
C LEU A 187 8.10 7.83 -9.73
N TYR A 188 8.31 6.84 -10.60
CA TYR A 188 9.09 7.07 -11.80
C TYR A 188 8.19 7.04 -13.01
N ALA A 189 8.45 7.93 -13.95
CA ALA A 189 7.81 7.86 -15.26
C ALA A 189 8.89 7.70 -16.30
N PHE A 190 8.85 6.61 -17.05
CA PHE A 190 9.79 6.41 -18.14
C PHE A 190 9.10 6.73 -19.44
N GLU A 191 9.47 7.85 -20.06
CA GLU A 191 8.89 8.26 -21.32
C GLU A 191 9.78 7.75 -22.45
N LEU A 192 9.19 6.98 -23.35
CA LEU A 192 9.96 6.30 -24.37
C LEU A 192 9.82 7.05 -25.70
N THR A 193 10.85 7.84 -26.02
CA THR A 193 10.76 8.82 -27.10
C THR A 193 11.22 8.30 -28.45
N ASP A 194 11.86 7.14 -28.46
CA ASP A 194 12.36 6.55 -29.71
C ASP A 194 11.55 5.29 -29.99
N ALA A 195 10.69 5.36 -31.01
CA ALA A 195 9.76 4.29 -31.36
C ALA A 195 10.40 3.00 -31.89
N ARG A 196 11.68 3.07 -32.25
CA ARG A 196 12.41 1.87 -32.66
C ARG A 196 12.56 0.96 -31.45
N TYR A 197 12.92 1.55 -30.32
CA TYR A 197 13.30 0.80 -29.13
C TYR A 197 12.17 0.66 -28.10
N GLY A 198 11.12 1.47 -28.27
CA GLY A 198 10.08 1.64 -27.25
C GLY A 198 9.49 0.34 -26.73
N GLU A 199 9.09 -0.53 -27.65
CA GLU A 199 8.46 -1.78 -27.21
C GLU A 199 9.42 -2.64 -26.39
N GLU A 200 10.65 -2.84 -26.86
CA GLU A 200 11.58 -3.69 -26.14
C GLU A 200 12.05 -3.09 -24.82
N VAL A 201 12.21 -1.77 -24.80
CA VAL A 201 12.53 -1.08 -23.54
C VAL A 201 11.38 -1.28 -22.55
N GLN A 202 10.16 -1.10 -23.02
CA GLN A 202 8.99 -1.28 -22.13
C GLN A 202 8.93 -2.69 -21.58
N ARG A 203 9.20 -3.68 -22.42
CA ARG A 203 9.15 -5.07 -21.98
C ARG A 203 10.20 -5.34 -20.91
N LEU A 204 11.38 -4.74 -21.06
CA LEU A 204 12.42 -4.89 -20.05
C LEU A 204 11.99 -4.22 -18.74
N LEU A 205 11.42 -3.04 -18.83
CA LEU A 205 10.92 -2.35 -17.64
C LEU A 205 9.81 -3.16 -16.95
N GLU A 206 8.88 -3.70 -17.74
CA GLU A 206 7.84 -4.57 -17.19
C GLU A 206 8.42 -5.77 -16.44
N GLY A 207 9.44 -6.40 -17.01
CA GLY A 207 10.02 -7.60 -16.41
C GLY A 207 10.79 -7.33 -15.13
N SER A 208 11.15 -6.06 -14.90
CA SER A 208 11.96 -5.66 -13.75
C SER A 208 11.14 -5.53 -12.48
N GLN A 209 9.81 -5.57 -12.61
CA GLN A 209 8.92 -5.32 -11.46
C GLN A 209 9.24 -6.27 -10.31
N ARG A 210 9.32 -5.70 -9.11
CA ARG A 210 9.74 -6.41 -7.93
C ARG A 210 8.85 -6.02 -6.74
N GLY A 211 8.50 -7.00 -5.93
CA GLY A 211 7.80 -6.75 -4.66
C GLY A 211 6.49 -6.00 -4.78
N LEU A 212 6.32 -4.96 -3.94
CA LEU A 212 5.09 -4.18 -3.92
C LEU A 212 5.01 -3.12 -5.01
N ASP A 213 6.08 -2.98 -5.79
CA ASP A 213 6.06 -1.99 -6.87
C ASP A 213 4.95 -2.33 -7.86
N VAL A 214 4.30 -1.29 -8.38
CA VAL A 214 3.25 -1.45 -9.37
C VAL A 214 3.49 -0.51 -10.54
N GLN A 215 3.07 -0.98 -11.71
CA GLN A 215 3.31 -0.25 -12.95
C GLN A 215 2.04 0.01 -13.73
N LEU A 216 2.07 1.09 -14.52
CA LEU A 216 1.03 1.42 -15.47
C LEU A 216 1.64 1.67 -16.84
N ARG A 217 1.09 0.99 -17.85
CA ARG A 217 1.53 1.15 -19.24
C ARG A 217 0.56 2.08 -19.93
N LEU A 218 1.05 3.24 -20.35
CA LEU A 218 0.19 4.29 -20.91
C LEU A 218 0.76 4.88 -22.18
N ARG A 219 -0.08 5.60 -22.92
CA ARG A 219 0.37 6.44 -24.01
C ARG A 219 0.05 7.88 -23.66
N ASN A 220 1.03 8.77 -23.74
CA ASN A 220 0.76 10.18 -23.43
C ASN A 220 0.16 10.97 -24.61
N ASP A 221 -0.04 12.27 -24.40
CA ASP A 221 -0.68 13.12 -25.40
C ASP A 221 0.15 13.36 -26.66
N GLU A 222 1.43 12.97 -26.62
CA GLU A 222 2.30 13.05 -27.79
C GLU A 222 2.37 11.68 -28.49
N GLY A 223 1.61 10.71 -27.96
CA GLY A 223 1.53 9.36 -28.53
C GLY A 223 2.65 8.42 -28.13
N ARG A 224 3.44 8.83 -27.14
CA ARG A 224 4.60 8.05 -26.70
C ARG A 224 4.24 7.11 -25.58
N ARG A 225 4.93 5.97 -25.55
CA ARG A 225 4.81 5.04 -24.44
C ARG A 225 5.34 5.70 -23.18
N VAL A 226 4.57 5.61 -22.11
CA VAL A 226 5.04 6.04 -20.79
C VAL A 226 4.77 4.88 -19.86
N LEU A 227 5.81 4.42 -19.18
CA LEU A 227 5.65 3.43 -18.13
C LEU A 227 5.81 4.10 -16.78
N LEU A 228 4.72 4.11 -16.01
CA LEU A 228 4.75 4.63 -14.65
C LEU A 228 5.09 3.50 -13.71
N VAL A 229 5.99 3.75 -12.78
CA VAL A 229 6.31 2.78 -11.75
C VAL A 229 6.24 3.44 -10.39
N LEU A 230 5.40 2.90 -9.51
CA LEU A 230 5.36 3.34 -8.11
C LEU A 230 6.19 2.38 -7.25
N LEU A 231 7.04 2.96 -6.41
CA LEU A 231 7.84 2.22 -5.45
C LEU A 231 7.35 2.55 -4.03
N PRO A 232 6.38 1.77 -3.52
CA PRO A 232 5.86 2.06 -2.18
C PRO A 232 6.87 1.76 -1.09
N LEU A 233 6.74 2.46 0.04
CA LEU A 233 7.55 2.18 1.23
C LEU A 233 9.04 2.04 0.89
N THR A 234 9.55 2.99 0.11
CA THR A 234 10.90 2.94 -0.39
C THR A 234 11.58 4.29 -0.16
N SER A 235 12.74 4.24 0.53
CA SER A 235 13.52 5.44 0.85
C SER A 235 14.16 6.04 -0.40
N ALA A 236 14.71 7.25 -0.26
CA ALA A 236 15.46 7.86 -1.35
C ALA A 236 16.65 7.00 -1.77
N GLU A 237 17.34 6.41 -0.80
CA GLU A 237 18.44 5.50 -1.10
C GLU A 237 17.95 4.30 -1.90
N GLY A 238 16.81 3.73 -1.48
CA GLY A 238 16.20 2.63 -2.23
C GLY A 238 15.83 2.98 -3.66
N SER A 239 15.24 4.15 -3.83
CA SER A 239 14.76 4.58 -5.14
C SER A 239 15.91 4.82 -6.10
N GLN A 240 17.04 5.24 -5.56
CA GLN A 240 18.24 5.39 -6.38
C GLN A 240 18.86 4.03 -6.67
N GLY A 241 18.80 3.14 -5.68
CA GLY A 241 19.20 1.73 -5.86
C GLY A 241 18.44 1.02 -6.97
N TYR A 242 17.14 1.29 -7.06
CA TYR A 242 16.31 0.75 -8.13
C TYR A 242 16.84 1.15 -9.50
N LEU A 243 17.19 2.42 -9.67
CA LEU A 243 17.69 2.86 -10.97
C LEU A 243 19.04 2.22 -11.30
N GLN A 244 19.89 2.08 -10.28
CA GLN A 244 21.20 1.44 -10.46
C GLN A 244 21.00 0.00 -10.93
N ARG A 245 20.00 -0.67 -10.37
CA ARG A 245 19.70 -2.05 -10.77
C ARG A 245 19.16 -2.10 -12.19
N LEU A 246 18.30 -1.13 -12.52
CA LEU A 246 17.77 -1.01 -13.88
C LEU A 246 18.86 -0.78 -14.91
N ARG A 247 19.81 0.08 -14.61
CA ARG A 247 20.90 0.33 -15.56
C ARG A 247 21.70 -0.93 -15.86
N ILE A 248 21.88 -1.79 -14.86
CA ILE A 248 22.63 -3.05 -15.04
C ILE A 248 21.84 -3.97 -15.96
N LEU A 249 20.53 -4.03 -15.73
CA LEU A 249 19.62 -4.85 -16.55
C LEU A 249 19.61 -4.36 -18.00
N PHE A 250 19.48 -3.05 -18.19
CA PHE A 250 19.52 -2.44 -19.52
C PHE A 250 20.85 -2.69 -20.23
N ALA A 251 21.95 -2.65 -19.47
CA ALA A 251 23.27 -2.93 -20.05
C ALA A 251 23.34 -4.37 -20.55
N GLU A 252 22.77 -5.30 -19.78
CA GLU A 252 22.74 -6.71 -20.19
C GLU A 252 21.87 -6.88 -21.44
N ARG A 253 20.73 -6.21 -21.46
CA ARG A 253 19.76 -6.40 -22.54
C ARG A 253 20.18 -5.76 -23.86
N PHE A 254 20.65 -4.52 -23.79
CA PHE A 254 20.97 -3.74 -24.98
C PHE A 254 22.48 -3.54 -24.96
N GLY A 255 23.02 -2.76 -25.89
CA GLY A 255 24.47 -2.47 -25.79
C GLY A 255 25.03 -2.10 -24.41
N GLN A 256 26.29 -2.46 -24.16
CA GLN A 256 27.06 -1.87 -23.06
C GLN A 256 27.34 -0.41 -23.43
N ALA A 257 27.47 -0.15 -24.73
CA ALA A 257 27.65 1.18 -25.29
C ALA A 257 26.32 1.92 -25.44
N ARG A 258 25.27 1.35 -24.86
CA ARG A 258 23.97 1.95 -24.86
C ARG A 258 23.59 2.35 -23.43
N GLU A 259 22.97 3.51 -23.31
CA GLU A 259 22.38 3.93 -22.04
C GLU A 259 20.88 4.00 -22.21
N LEU A 260 20.14 3.97 -21.10
CA LEU A 260 18.70 4.15 -21.16
C LEU A 260 18.40 5.35 -22.05
N GLU A 261 19.16 6.42 -21.85
CA GLU A 261 18.88 7.69 -22.52
C GLU A 261 19.13 7.66 -24.03
N SER A 262 20.12 6.87 -24.46
CA SER A 262 20.39 6.74 -25.90
C SER A 262 19.40 5.81 -26.60
N LEU A 263 18.59 5.09 -25.82
CA LEU A 263 17.49 4.29 -26.38
C LEU A 263 16.19 5.11 -26.40
N GLY A 264 16.30 6.40 -26.08
CA GLY A 264 15.15 7.30 -26.08
C GLY A 264 14.39 7.41 -24.76
N VAL A 265 14.93 6.84 -23.68
CA VAL A 265 14.24 6.88 -22.40
C VAL A 265 14.48 8.23 -21.73
N ARG A 266 13.39 8.94 -21.44
CA ARG A 266 13.42 10.17 -20.63
C ARG A 266 12.91 9.80 -19.24
N ILE A 267 13.75 9.95 -18.21
CA ILE A 267 13.37 9.60 -16.84
C ILE A 267 12.85 10.82 -16.08
N ARG A 268 11.68 10.67 -15.47
CA ARG A 268 11.10 11.71 -14.64
C ARG A 268 10.77 11.06 -13.31
N GLN A 269 11.14 11.71 -12.22
CA GLN A 269 10.99 11.15 -10.88
C GLN A 269 10.19 12.09 -10.00
N TYR A 270 9.31 11.53 -9.19
CA TYR A 270 8.54 12.29 -8.23
C TYR A 270 8.62 11.61 -6.86
N GLU A 271 9.22 12.28 -5.88
CA GLU A 271 9.30 11.71 -4.54
C GLU A 271 8.10 12.15 -3.73
N LEU A 272 7.35 11.17 -3.20
CA LEU A 272 6.15 11.48 -2.42
C LEU A 272 6.59 12.04 -1.07
N ASP A 273 5.97 13.13 -0.66
CA ASP A 273 6.38 13.80 0.56
C ASP A 273 5.31 14.76 1.07
N ALA A 274 5.10 14.74 2.38
CA ALA A 274 4.13 15.60 3.06
C ALA A 274 4.52 17.09 3.00
N GLY A 275 5.72 17.37 2.49
CA GLY A 275 6.18 18.72 2.23
C GLY A 275 5.75 19.26 0.88
N ASN A 276 5.73 18.39 -0.14
CA ASN A 276 5.30 18.76 -1.50
C ASN A 276 3.92 19.44 -1.50
N ASP A 277 3.78 20.48 -2.32
CA ASP A 277 2.51 21.20 -2.47
C ASP A 277 1.41 20.27 -3.02
N ARG A 278 0.16 20.59 -2.74
CA ARG A 278 -0.96 19.71 -3.13
C ARG A 278 -1.18 19.58 -4.63
N GLN A 279 -0.64 20.51 -5.41
CA GLN A 279 -0.80 20.52 -6.86
C GLN A 279 0.35 19.83 -7.60
N ALA A 280 1.35 19.38 -6.84
CA ALA A 280 2.61 18.93 -7.41
C ALA A 280 2.47 17.63 -8.21
N LEU A 281 1.73 16.66 -7.65
CA LEU A 281 1.55 15.38 -8.34
C LEU A 281 0.80 15.56 -9.66
N GLY A 282 -0.19 16.45 -9.66
CA GLY A 282 -0.92 16.81 -10.87
C GLY A 282 -0.04 17.40 -11.94
N HIS A 283 0.81 18.35 -11.55
CA HIS A 283 1.78 18.94 -12.49
C HIS A 283 2.69 17.88 -13.08
N PHE A 284 3.14 16.97 -12.22
CA PHE A 284 4.04 15.90 -12.65
C PHE A 284 3.37 14.98 -13.68
N LEU A 285 2.20 14.46 -13.34
CA LEU A 285 1.55 13.47 -14.22
C LEU A 285 0.81 14.08 -15.40
N PHE A 286 0.09 15.19 -15.20
CA PHE A 286 -0.80 15.74 -16.24
C PHE A 286 -0.18 16.80 -17.16
N ASN A 287 0.93 17.38 -16.72
CA ASN A 287 1.66 18.34 -17.53
C ASN A 287 2.98 17.73 -18.02
N GLU A 288 3.84 17.38 -17.08
CA GLU A 288 5.18 16.89 -17.42
C GLU A 288 5.16 15.57 -18.20
N CYS A 289 4.35 14.61 -17.74
CA CYS A 289 4.27 13.30 -18.39
C CYS A 289 3.23 13.26 -19.51
N GLY A 290 2.40 14.31 -19.59
CA GLY A 290 1.41 14.45 -20.66
C GLY A 290 0.26 13.48 -20.54
N LEU A 291 -0.09 13.13 -19.31
CA LEU A 291 -1.17 12.19 -19.04
C LEU A 291 -2.44 12.95 -18.65
N ASN A 292 -3.52 12.20 -18.40
CA ASN A 292 -4.79 12.82 -18.01
C ASN A 292 -5.51 12.05 -16.91
N ASP A 293 -6.56 12.65 -16.36
CA ASP A 293 -7.31 12.07 -15.25
C ASP A 293 -8.09 10.80 -15.60
N GLN A 294 -8.18 10.48 -16.90
CA GLN A 294 -8.80 9.24 -17.34
C GLN A 294 -7.83 8.08 -17.26
N GLN A 295 -6.53 8.41 -17.24
CA GLN A 295 -5.44 7.42 -17.21
C GLN A 295 -4.94 7.12 -15.80
N VAL A 296 -4.80 8.17 -14.99
CA VAL A 296 -4.40 8.02 -13.60
C VAL A 296 -5.26 8.89 -12.69
N ALA A 297 -5.80 8.27 -11.64
CA ALA A 297 -6.67 8.94 -10.67
C ALA A 297 -6.63 8.14 -9.36
N ILE A 298 -6.85 8.85 -8.24
CA ILE A 298 -6.73 8.27 -6.88
C ILE A 298 -5.32 7.71 -6.55
P1 C2E B . 19.76 -4.91 -5.22
O2P C2E B . 21.12 -4.42 -5.69
O1P C2E B . 18.87 -5.65 -6.18
O5' C2E B . 18.94 -3.68 -4.61
C5' C2E B . 19.52 -2.75 -3.70
C4' C2E B . 18.46 -1.84 -3.09
O4' C2E B . 17.93 -0.95 -4.09
C3' C2E B . 17.25 -2.56 -2.51
O3' C2E B . 17.38 -2.95 -1.14
C2' C2E B . 16.17 -1.52 -2.64
O2' C2E B . 16.32 -0.57 -1.58
C1' C2E B . 16.52 -0.84 -3.95
N9 C2E B . 15.84 -1.51 -5.09
C8 C2E B . 16.44 -2.23 -6.06
N7 C2E B . 15.53 -2.69 -6.95
C5 C2E B . 14.33 -2.24 -6.55
C6 C2E B . 12.94 -2.35 -7.02
O6 C2E B . 12.67 -3.05 -8.15
N1 C2E B . 11.97 -1.74 -6.32
C2 C2E B . 12.21 -1.04 -5.17
N2 C2E B . 11.16 -0.46 -4.54
N3 C2E B . 13.47 -0.89 -4.68
C4 C2E B . 14.54 -1.46 -5.31
P11 C2E B . 16.55 -4.22 -0.58
O21 C2E B . 16.77 -4.33 0.92
O11 C2E B . 15.13 -4.21 -1.10
O5A C2E B . 17.33 -5.44 -1.25
C5A C2E B . 18.73 -5.64 -1.01
C4A C2E B . 19.20 -6.80 -1.87
O4A C2E B . 18.42 -7.96 -1.61
C3A C2E B . 18.99 -6.52 -3.34
O3A C2E B . 20.06 -5.81 -3.92
C2A C2E B . 18.86 -7.90 -3.94
O2A C2E B . 20.15 -8.50 -4.13
C1A C2E B . 18.11 -8.62 -2.84
N91 C2E B . 16.64 -8.58 -3.11
C81 C2E B . 15.73 -7.83 -2.48
N71 C2E B . 14.48 -8.05 -2.96
C51 C2E B . 14.60 -8.97 -3.95
C61 C2E B . 13.68 -9.66 -4.88
O61 C2E B . 12.35 -9.41 -4.88
N11 C2E B . 14.22 -10.55 -5.76
C21 C2E B . 15.55 -10.82 -5.78
N21 C2E B . 16.01 -11.72 -6.68
N31 C2E B . 16.44 -10.22 -4.95
C41 C2E B . 16.03 -9.31 -4.03
#